data_1KWS
#
_entry.id   1KWS
#
_cell.length_a   57.625
_cell.length_b   47.978
_cell.length_c   102.152
_cell.angle_alpha   90.00
_cell.angle_beta   93.10
_cell.angle_gamma   90.00
#
_symmetry.space_group_name_H-M   'P 1 21 1'
#
loop_
_entity.id
_entity.type
_entity.pdbx_description
1 polymer 'BETA-1,3-GLUCURONYLTRANSFERASE 3'
2 non-polymer 'MANGANESE (II) ION'
3 non-polymer "URIDINE-5'-DIPHOSPHATE-GLUCURONIC ACID"
4 water water
#
_entity_poly.entity_id   1
_entity_poly.type   'polypeptide(L)'
_entity_poly.pdbx_seq_one_letter_code
;MTIYVVTPTYARLVQKAELVRLSQTLSLVPRLHWLLVEDAEGPTPLVSGLLAASGLLFTHLVVLTPKAQRLREGEPGWVH
PRGVEQRNKALDWLRGRGGAVGGEKDPPPPGTQGVVYFADDDNTYSRELFEEMRWTRGVSVWPVGLVGGLRFEGPQVQDG
RVVGFHTAWEPSRPFPVDMAGFAVALPLLLDKPNAQFDSTAPRGHLESSLLSHLVDPKDLEPRAANCTRVLVWHTRTEKP
KMKQEEQLQRQGRGSDPAIEV
;
_entity_poly.pdbx_strand_id   A,B
#
loop_
_chem_comp.id
_chem_comp.type
_chem_comp.name
_chem_comp.formula
MN non-polymer 'MANGANESE (II) ION' 'Mn 2'
UGA non-polymer 'URIDINE-5'-DIPHOSPHATE-GLUCURONIC ACID' 'C15 H22 N2 O18 P2'
#
# COMPACT_ATOMS: atom_id res chain seq x y z
N MET A 1 21.73 3.33 -13.60
CA MET A 1 21.55 1.92 -13.17
C MET A 1 20.07 1.57 -13.08
N THR A 2 19.58 0.78 -14.02
CA THR A 2 18.17 0.37 -14.04
C THR A 2 17.88 -0.72 -13.01
N ILE A 3 16.78 -0.58 -12.29
CA ILE A 3 16.39 -1.59 -11.31
C ILE A 3 15.31 -2.47 -11.91
N TYR A 4 15.54 -3.79 -11.92
CA TYR A 4 14.56 -4.74 -12.43
C TYR A 4 13.84 -5.34 -11.22
N VAL A 5 12.59 -4.94 -11.04
CA VAL A 5 11.76 -5.40 -9.94
C VAL A 5 10.97 -6.64 -10.34
N VAL A 6 11.29 -7.77 -9.71
CA VAL A 6 10.61 -9.03 -10.01
C VAL A 6 9.46 -9.24 -9.04
N THR A 7 8.24 -9.26 -9.57
CA THR A 7 7.07 -9.41 -8.73
C THR A 7 6.12 -10.53 -9.12
N PRO A 8 6.04 -11.59 -8.31
CA PRO A 8 5.11 -12.65 -8.65
C PRO A 8 3.75 -12.20 -8.13
N THR A 9 2.68 -12.52 -8.86
CA THR A 9 1.34 -12.11 -8.46
C THR A 9 0.33 -13.17 -8.91
N TYR A 10 -0.78 -13.25 -8.20
CA TYR A 10 -1.81 -14.22 -8.53
C TYR A 10 -3.18 -13.59 -8.25
N ALA A 11 -4.19 -14.09 -8.93
CA ALA A 11 -5.54 -13.58 -8.77
C ALA A 11 -6.17 -14.02 -7.46
N ARG A 12 -6.74 -13.04 -6.75
CA ARG A 12 -7.46 -13.25 -5.50
C ARG A 12 -8.11 -11.90 -5.29
N LEU A 13 -9.10 -11.83 -4.41
CA LEU A 13 -9.83 -10.59 -4.17
C LEU A 13 -8.98 -9.32 -4.05
N VAL A 14 -7.96 -9.31 -3.21
CA VAL A 14 -7.16 -8.10 -3.06
C VAL A 14 -6.10 -7.83 -4.12
N GLN A 15 -5.94 -8.75 -5.09
CA GLN A 15 -4.89 -8.56 -6.10
C GLN A 15 -4.81 -7.19 -6.76
N LYS A 16 -5.91 -6.70 -7.32
CA LYS A 16 -5.87 -5.41 -7.98
C LYS A 16 -5.48 -4.29 -7.03
N ALA A 17 -6.05 -4.29 -5.84
CA ALA A 17 -5.71 -3.24 -4.86
C ALA A 17 -4.20 -3.25 -4.61
N GLU A 18 -3.63 -4.44 -4.43
CA GLU A 18 -2.20 -4.59 -4.18
C GLU A 18 -1.36 -4.06 -5.35
N LEU A 19 -1.71 -4.49 -6.56
CA LEU A 19 -0.98 -4.06 -7.76
C LEU A 19 -1.16 -2.55 -8.00
N VAL A 20 -2.28 -2.02 -7.56
CA VAL A 20 -2.50 -0.58 -7.73
C VAL A 20 -1.55 0.22 -6.84
N ARG A 21 -1.53 -0.06 -5.54
CA ARG A 21 -0.61 0.71 -4.70
C ARG A 21 0.85 0.44 -5.02
N LEU A 22 1.18 -0.81 -5.36
CA LEU A 22 2.56 -1.13 -5.72
C LEU A 22 2.95 -0.40 -6.99
N SER A 23 2.10 -0.49 -8.02
CA SER A 23 2.41 0.19 -9.28
C SER A 23 2.49 1.70 -9.03
N GLN A 24 1.68 2.23 -8.12
CA GLN A 24 1.74 3.65 -7.86
C GLN A 24 3.05 4.02 -7.15
N THR A 25 3.52 3.15 -6.28
CA THR A 25 4.78 3.40 -5.58
C THR A 25 5.92 3.33 -6.59
N LEU A 26 5.90 2.34 -7.47
CA LEU A 26 6.94 2.18 -8.48
C LEU A 26 7.00 3.31 -9.51
N SER A 27 5.88 3.99 -9.74
CA SER A 27 5.87 5.07 -10.71
C SER A 27 6.66 6.24 -10.16
N LEU A 28 7.00 6.17 -8.87
CA LEU A 28 7.76 7.23 -8.23
C LEU A 28 9.27 7.04 -8.43
N VAL A 29 9.67 5.87 -8.91
CA VAL A 29 11.07 5.54 -9.10
C VAL A 29 11.54 5.60 -10.55
N PRO A 30 12.61 6.38 -10.82
CA PRO A 30 13.14 6.48 -12.18
C PRO A 30 14.03 5.30 -12.51
N ARG A 31 14.15 5.00 -13.81
CA ARG A 31 14.99 3.90 -14.26
C ARG A 31 14.60 2.59 -13.57
N LEU A 32 13.32 2.27 -13.64
CA LEU A 32 12.82 1.04 -13.04
C LEU A 32 12.02 0.27 -14.07
N HIS A 33 12.36 -1.01 -14.20
CA HIS A 33 11.70 -1.92 -15.13
C HIS A 33 11.00 -2.99 -14.29
N TRP A 34 9.68 -3.03 -14.36
CA TRP A 34 8.88 -3.99 -13.59
C TRP A 34 8.67 -5.31 -14.31
N LEU A 35 9.09 -6.40 -13.69
CA LEU A 35 8.90 -7.73 -14.27
C LEU A 35 7.75 -8.37 -13.49
N LEU A 36 6.53 -8.13 -13.97
CA LEU A 36 5.34 -8.67 -13.31
C LEU A 36 5.03 -10.05 -13.86
N VAL A 37 5.18 -11.05 -13.00
CA VAL A 37 4.95 -12.44 -13.39
C VAL A 37 3.65 -13.01 -12.80
N GLU A 38 2.68 -13.25 -13.66
CA GLU A 38 1.41 -13.82 -13.21
C GLU A 38 1.48 -15.32 -13.01
N ASP A 39 0.89 -15.77 -11.92
CA ASP A 39 0.81 -17.19 -11.64
C ASP A 39 -0.55 -17.52 -12.25
N ALA A 40 -0.56 -17.84 -13.54
CA ALA A 40 -1.81 -18.14 -14.25
C ALA A 40 -1.56 -18.93 -15.54
N GLU A 41 -2.65 -19.37 -16.17
CA GLU A 41 -2.57 -20.15 -17.41
C GLU A 41 -2.19 -19.26 -18.60
N GLY A 42 -2.39 -17.96 -18.45
CA GLY A 42 -2.07 -17.02 -19.50
C GLY A 42 -2.30 -15.63 -18.96
N PRO A 43 -1.91 -14.58 -19.70
CA PRO A 43 -2.12 -13.22 -19.21
C PRO A 43 -3.60 -12.97 -18.92
N THR A 44 -3.88 -12.25 -17.84
CA THR A 44 -5.25 -11.92 -17.46
C THR A 44 -5.58 -10.50 -17.89
N PRO A 45 -6.86 -10.25 -18.23
CA PRO A 45 -7.25 -8.91 -18.65
C PRO A 45 -6.99 -7.92 -17.51
N LEU A 46 -7.22 -8.35 -16.27
CA LEU A 46 -7.01 -7.47 -15.13
C LEU A 46 -5.57 -6.97 -15.06
N VAL A 47 -4.61 -7.89 -15.05
CA VAL A 47 -3.21 -7.51 -14.96
C VAL A 47 -2.73 -6.81 -16.23
N SER A 48 -3.11 -7.34 -17.40
CA SER A 48 -2.70 -6.74 -18.67
C SER A 48 -3.19 -5.29 -18.72
N GLY A 49 -4.41 -5.07 -18.28
CA GLY A 49 -4.97 -3.73 -18.28
C GLY A 49 -4.27 -2.81 -17.30
N LEU A 50 -4.02 -3.30 -16.09
CA LEU A 50 -3.35 -2.49 -15.09
C LEU A 50 -1.97 -2.07 -15.59
N LEU A 51 -1.24 -3.02 -16.16
CA LEU A 51 0.10 -2.71 -16.68
C LEU A 51 0.04 -1.64 -17.78
N ALA A 52 -0.84 -1.82 -18.75
CA ALA A 52 -0.97 -0.85 -19.84
C ALA A 52 -1.27 0.57 -19.35
N ALA A 53 -2.13 0.68 -18.34
CA ALA A 53 -2.50 1.99 -17.79
C ALA A 53 -1.53 2.52 -16.75
N SER A 54 -0.59 1.69 -16.30
CA SER A 54 0.35 2.09 -15.26
C SER A 54 1.33 3.19 -15.64
N GLY A 55 1.70 3.23 -16.92
CA GLY A 55 2.66 4.22 -17.39
C GLY A 55 4.08 3.80 -17.06
N LEU A 56 4.22 2.59 -16.51
CA LEU A 56 5.55 2.09 -16.13
C LEU A 56 6.25 1.35 -17.26
N LEU A 57 7.56 1.20 -17.10
CA LEU A 57 8.35 0.42 -18.06
C LEU A 57 8.15 -0.97 -17.47
N PHE A 58 7.67 -1.91 -18.27
CA PHE A 58 7.42 -3.25 -17.77
C PHE A 58 7.55 -4.34 -18.81
N THR A 59 7.58 -5.57 -18.32
CA THR A 59 7.62 -6.78 -19.14
C THR A 59 6.64 -7.69 -18.40
N HIS A 60 5.62 -8.15 -19.11
CA HIS A 60 4.60 -9.01 -18.55
C HIS A 60 4.99 -10.45 -18.80
N LEU A 61 5.11 -11.24 -17.72
CA LEU A 61 5.49 -12.65 -17.82
C LEU A 61 4.39 -13.52 -17.21
N VAL A 62 4.38 -14.80 -17.55
CA VAL A 62 3.36 -15.71 -17.04
C VAL A 62 3.84 -17.15 -16.87
N VAL A 63 3.54 -17.74 -15.71
CA VAL A 63 3.91 -19.12 -15.41
C VAL A 63 3.05 -19.64 -14.26
N LEU A 64 2.53 -20.85 -14.42
CA LEU A 64 1.68 -21.45 -13.40
C LEU A 64 2.47 -22.19 -12.33
N THR A 65 2.03 -22.08 -11.08
CA THR A 65 2.69 -22.79 -9.99
C THR A 65 2.18 -24.23 -10.06
N PRO A 66 3.10 -25.20 -10.15
CA PRO A 66 2.72 -26.62 -10.23
C PRO A 66 2.15 -27.16 -8.93
N TRP A 78 4.04 -30.71 4.19
CA TRP A 78 4.72 -30.15 3.02
C TRP A 78 4.92 -28.65 3.13
N VAL A 79 6.04 -28.17 2.59
CA VAL A 79 6.33 -26.75 2.59
C VAL A 79 5.58 -26.21 1.38
N HIS A 80 4.97 -25.04 1.52
CA HIS A 80 4.22 -24.46 0.42
C HIS A 80 4.88 -23.19 -0.12
N PRO A 81 6.04 -23.35 -0.77
CA PRO A 81 6.75 -22.20 -1.34
C PRO A 81 5.87 -21.37 -2.29
N ARG A 82 5.97 -20.07 -2.19
CA ARG A 82 5.15 -19.20 -3.02
C ARG A 82 5.97 -18.29 -3.94
N GLY A 83 5.52 -18.17 -5.18
CA GLY A 83 6.18 -17.32 -6.15
C GLY A 83 7.51 -17.80 -6.72
N VAL A 84 7.92 -19.01 -6.40
CA VAL A 84 9.18 -19.55 -6.86
C VAL A 84 9.28 -19.63 -8.38
N GLU A 85 8.35 -20.36 -8.99
CA GLU A 85 8.32 -20.51 -10.44
C GLU A 85 8.26 -19.16 -11.13
N GLN A 86 7.46 -18.26 -10.58
CA GLN A 86 7.31 -16.93 -11.15
C GLN A 86 8.64 -16.18 -11.09
N ARG A 87 9.32 -16.22 -9.94
CA ARG A 87 10.60 -15.53 -9.81
C ARG A 87 11.65 -16.14 -10.75
N ASN A 88 11.71 -17.47 -10.82
CA ASN A 88 12.67 -18.12 -11.71
C ASN A 88 12.36 -17.82 -13.17
N LYS A 89 11.09 -17.55 -13.47
CA LYS A 89 10.69 -17.22 -14.83
C LYS A 89 11.26 -15.86 -15.21
N ALA A 90 11.19 -14.89 -14.29
CA ALA A 90 11.74 -13.56 -14.54
C ALA A 90 13.25 -13.68 -14.76
N LEU A 91 13.89 -14.58 -14.00
CA LEU A 91 15.31 -14.82 -14.13
C LEU A 91 15.60 -15.42 -15.52
N ASP A 92 14.80 -16.39 -15.94
CA ASP A 92 14.98 -17.02 -17.24
C ASP A 92 14.94 -15.96 -18.34
N TRP A 93 13.96 -15.05 -18.24
CA TRP A 93 13.80 -13.99 -19.21
C TRP A 93 15.03 -13.08 -19.24
N LEU A 94 15.53 -12.73 -18.06
CA LEU A 94 16.69 -11.88 -17.95
C LEU A 94 17.88 -12.60 -18.59
N ARG A 95 17.85 -13.93 -18.52
CA ARG A 95 18.92 -14.75 -19.07
C ARG A 95 18.74 -15.13 -20.54
N GLY A 96 17.83 -14.44 -21.22
CA GLY A 96 17.61 -14.70 -22.64
C GLY A 96 16.77 -15.89 -23.07
N ARG A 97 15.92 -16.38 -22.19
CA ARG A 97 15.09 -17.53 -22.55
C ARG A 97 13.68 -17.14 -22.95
N GLY A 98 13.47 -15.83 -23.15
CA GLY A 98 12.17 -15.32 -23.57
C GLY A 98 11.04 -15.56 -22.60
N GLY A 99 9.81 -15.47 -23.11
CA GLY A 99 8.63 -15.68 -22.30
C GLY A 99 7.77 -14.44 -22.04
N ALA A 100 8.07 -13.34 -22.72
CA ALA A 100 7.31 -12.11 -22.52
C ALA A 100 5.99 -12.14 -23.28
N VAL A 101 4.91 -11.76 -22.61
CA VAL A 101 3.59 -11.74 -23.24
C VAL A 101 3.10 -10.30 -23.41
N GLY A 102 3.92 -9.34 -22.98
CA GLY A 102 3.57 -7.93 -23.10
C GLY A 102 4.68 -7.05 -22.60
N GLY A 103 4.64 -5.77 -22.96
CA GLY A 103 5.67 -4.84 -22.55
C GLY A 103 6.97 -5.08 -23.32
N GLU A 104 8.09 -4.68 -22.73
CA GLU A 104 9.40 -4.86 -23.38
C GLU A 104 9.66 -6.34 -23.52
N LYS A 105 9.72 -6.81 -24.76
CA LYS A 105 9.94 -8.22 -25.05
C LYS A 105 11.36 -8.72 -24.88
N ASP A 106 12.34 -7.86 -25.11
CA ASP A 106 13.73 -8.27 -24.99
C ASP A 106 14.46 -7.83 -23.74
N PRO A 107 15.19 -8.76 -23.11
CA PRO A 107 15.95 -8.49 -21.89
C PRO A 107 17.22 -7.71 -22.20
N PRO A 108 17.83 -7.10 -21.16
CA PRO A 108 19.06 -6.34 -21.34
C PRO A 108 20.11 -7.32 -21.86
N PRO A 109 20.97 -6.87 -22.78
CA PRO A 109 22.00 -7.80 -23.28
C PRO A 109 23.09 -7.99 -22.23
N PRO A 110 23.83 -9.10 -22.32
CA PRO A 110 24.90 -9.34 -21.34
C PRO A 110 25.78 -8.10 -21.24
N GLY A 111 26.35 -7.87 -20.05
CA GLY A 111 27.21 -6.73 -19.86
C GLY A 111 26.50 -5.48 -19.38
N THR A 112 25.17 -5.53 -19.40
CA THR A 112 24.37 -4.38 -18.96
C THR A 112 24.49 -4.23 -17.44
N GLN A 113 24.58 -2.99 -16.98
CA GLN A 113 24.68 -2.73 -15.56
C GLN A 113 23.27 -2.53 -15.03
N GLY A 114 22.96 -3.18 -13.92
CA GLY A 114 21.64 -3.06 -13.33
C GLY A 114 21.54 -3.88 -12.06
N VAL A 115 20.38 -3.83 -11.42
CA VAL A 115 20.16 -4.57 -10.18
C VAL A 115 18.79 -5.24 -10.23
N VAL A 116 18.73 -6.46 -9.69
CA VAL A 116 17.49 -7.20 -9.66
C VAL A 116 16.98 -7.23 -8.23
N TYR A 117 15.70 -6.90 -8.08
CA TYR A 117 15.05 -6.86 -6.77
C TYR A 117 13.77 -7.69 -6.79
N PHE A 118 13.63 -8.59 -5.82
CA PHE A 118 12.43 -9.43 -5.76
C PHE A 118 11.41 -8.84 -4.78
N ALA A 119 10.46 -8.12 -5.34
CA ALA A 119 9.42 -7.46 -4.57
C ALA A 119 8.06 -8.16 -4.65
N ASP A 120 7.66 -8.81 -3.55
CA ASP A 120 6.37 -9.48 -3.51
C ASP A 120 5.31 -8.41 -3.63
N ASP A 121 4.11 -8.79 -4.07
CA ASP A 121 3.09 -7.77 -4.28
C ASP A 121 2.34 -7.23 -3.08
N ASP A 122 2.66 -7.70 -1.88
CA ASP A 122 1.96 -7.21 -0.68
C ASP A 122 2.81 -6.41 0.31
N ASN A 123 4.13 -6.35 0.08
CA ASN A 123 4.98 -5.61 0.99
C ASN A 123 4.78 -4.11 0.77
N THR A 124 5.40 -3.31 1.64
CA THR A 124 5.33 -1.84 1.52
C THR A 124 6.75 -1.38 1.26
N TYR A 125 6.95 -0.59 0.22
CA TYR A 125 8.28 -0.12 -0.15
C TYR A 125 8.39 1.41 -0.18
N SER A 126 9.37 1.96 0.53
CA SER A 126 9.54 3.40 0.50
C SER A 126 10.36 3.68 -0.75
N ARG A 127 10.11 4.83 -1.37
CA ARG A 127 10.85 5.17 -2.58
C ARG A 127 12.34 5.23 -2.28
N GLU A 128 12.70 5.54 -1.03
CA GLU A 128 14.10 5.62 -0.63
C GLU A 128 14.84 4.30 -0.78
N LEU A 129 14.14 3.18 -0.56
CA LEU A 129 14.77 1.87 -0.67
C LEU A 129 15.43 1.64 -2.02
N PHE A 130 14.79 2.11 -3.08
CA PHE A 130 15.33 1.89 -4.43
C PHE A 130 16.63 2.61 -4.73
N GLU A 131 16.86 3.75 -4.11
CA GLU A 131 18.11 4.45 -4.35
C GLU A 131 19.20 3.74 -3.56
N GLU A 132 18.81 3.04 -2.49
CA GLU A 132 19.76 2.29 -1.69
C GLU A 132 20.34 1.10 -2.45
N MET A 133 19.48 0.43 -3.22
CA MET A 133 19.91 -0.76 -3.96
C MET A 133 20.46 -0.47 -5.35
N ARG A 134 20.17 0.72 -5.87
CA ARG A 134 20.62 1.06 -7.21
C ARG A 134 22.13 0.87 -7.39
N TRP A 135 22.87 1.06 -6.30
CA TRP A 135 24.32 0.90 -6.35
C TRP A 135 24.71 -0.41 -5.67
N THR A 136 24.56 -1.51 -6.39
CA THR A 136 24.87 -2.83 -5.88
C THR A 136 25.91 -3.50 -6.78
N ARG A 137 27.01 -3.95 -6.21
CA ARG A 137 28.07 -4.59 -6.98
C ARG A 137 27.86 -6.10 -7.05
N GLY A 138 27.48 -6.69 -5.93
CA GLY A 138 27.23 -8.12 -5.87
C GLY A 138 25.84 -8.31 -5.30
N VAL A 139 25.75 -8.36 -3.98
CA VAL A 139 24.48 -8.51 -3.31
C VAL A 139 24.44 -7.53 -2.15
N SER A 140 23.44 -6.67 -2.15
CA SER A 140 23.29 -5.67 -1.10
C SER A 140 22.19 -6.12 -0.15
N VAL A 141 22.24 -5.61 1.09
CA VAL A 141 21.27 -5.97 2.12
C VAL A 141 20.89 -4.81 3.02
N TRP A 142 19.71 -4.93 3.63
CA TRP A 142 19.18 -3.92 4.54
C TRP A 142 18.13 -4.60 5.43
N PRO A 143 17.72 -3.93 6.52
CA PRO A 143 16.71 -4.52 7.39
C PRO A 143 15.30 -4.44 6.82
N VAL A 144 14.48 -5.41 7.20
CA VAL A 144 13.09 -5.46 6.75
C VAL A 144 12.23 -5.37 7.99
N GLY A 145 11.23 -4.50 7.94
CA GLY A 145 10.36 -4.34 9.09
C GLY A 145 9.23 -5.35 9.16
N LEU A 146 8.82 -5.64 10.39
CA LEU A 146 7.71 -6.53 10.68
C LEU A 146 7.75 -7.88 9.96
N VAL A 147 8.89 -8.56 10.02
CA VAL A 147 9.03 -9.87 9.39
C VAL A 147 9.78 -10.82 10.34
N GLY A 148 9.65 -12.12 10.11
CA GLY A 148 10.31 -13.10 10.95
C GLY A 148 9.92 -13.02 12.41
N GLY A 149 8.78 -12.41 12.69
CA GLY A 149 8.29 -12.27 14.05
C GLY A 149 8.99 -11.17 14.84
N LEU A 150 9.78 -10.36 14.17
CA LEU A 150 10.51 -9.26 14.82
C LEU A 150 10.03 -7.88 14.36
N ARG A 151 10.38 -6.83 15.11
CA ARG A 151 10.01 -5.47 14.75
C ARG A 151 10.65 -5.23 13.39
N PHE A 152 11.87 -5.73 13.26
CA PHE A 152 12.63 -5.66 12.04
C PHE A 152 13.69 -6.75 12.15
N GLU A 153 14.03 -7.33 11.01
CA GLU A 153 15.01 -8.40 10.94
C GLU A 153 16.09 -7.86 10.01
N GLY A 154 17.34 -7.92 10.43
CA GLY A 154 18.37 -7.40 9.55
C GLY A 154 19.79 -7.72 9.95
N PRO A 155 20.75 -7.43 9.06
CA PRO A 155 22.17 -7.68 9.31
C PRO A 155 22.70 -6.78 10.40
N GLN A 156 23.68 -7.29 11.14
CA GLN A 156 24.35 -6.52 12.17
C GLN A 156 25.59 -6.03 11.44
N VAL A 157 25.84 -4.72 11.49
CA VAL A 157 26.97 -4.16 10.77
C VAL A 157 28.03 -3.52 11.66
N GLN A 158 29.28 -3.83 11.37
CA GLN A 158 30.41 -3.30 12.10
C GLN A 158 31.50 -2.96 11.10
N ASP A 159 31.94 -1.71 11.12
CA ASP A 159 32.99 -1.26 10.22
C ASP A 159 32.58 -1.41 8.75
N GLY A 160 31.34 -1.04 8.45
CA GLY A 160 30.85 -1.15 7.08
C GLY A 160 30.74 -2.56 6.55
N ARG A 161 30.80 -3.55 7.44
CA ARG A 161 30.69 -4.94 7.01
C ARG A 161 29.68 -5.72 7.86
N VAL A 162 29.03 -6.68 7.24
CA VAL A 162 28.05 -7.52 7.92
C VAL A 162 28.85 -8.49 8.78
N VAL A 163 28.52 -8.58 10.07
CA VAL A 163 29.24 -9.47 10.97
C VAL A 163 28.28 -10.35 11.75
N GLY A 164 27.04 -10.44 11.28
CA GLY A 164 26.05 -11.24 11.96
C GLY A 164 24.66 -10.77 11.58
N PHE A 165 23.65 -11.43 12.11
CA PHE A 165 22.28 -11.04 11.80
C PHE A 165 21.39 -10.98 13.02
N HIS A 166 20.47 -10.03 12.99
CA HIS A 166 19.49 -9.88 14.06
C HIS A 166 18.30 -10.64 13.50
N THR A 167 18.14 -11.88 13.94
CA THR A 167 17.06 -12.74 13.47
C THR A 167 16.76 -13.77 14.55
N ALA A 168 15.61 -14.44 14.43
CA ALA A 168 15.23 -15.45 15.41
C ALA A 168 14.66 -16.69 14.72
N TRP A 169 13.77 -16.45 13.76
CA TRP A 169 13.14 -17.53 13.00
C TRP A 169 14.18 -18.27 12.16
N GLU A 170 14.12 -19.60 12.16
CA GLU A 170 15.04 -20.43 11.40
C GLU A 170 16.46 -19.87 11.35
N PRO A 171 17.17 -19.88 12.50
CA PRO A 171 18.55 -19.37 12.59
C PRO A 171 19.59 -20.14 11.78
N SER A 172 19.22 -21.32 11.28
CA SER A 172 20.15 -22.13 10.49
C SER A 172 20.39 -21.57 9.09
N ARG A 173 19.54 -20.63 8.67
CA ARG A 173 19.66 -20.01 7.35
C ARG A 173 20.97 -19.25 7.19
N PRO A 174 21.77 -19.57 6.16
CA PRO A 174 23.03 -18.83 6.00
C PRO A 174 22.73 -17.34 5.70
N PHE A 175 21.56 -17.10 5.11
CA PHE A 175 21.10 -15.74 4.82
C PHE A 175 19.72 -15.60 5.46
N PRO A 176 19.67 -15.31 6.77
CA PRO A 176 18.37 -15.16 7.43
C PRO A 176 17.78 -13.79 7.15
N VAL A 177 17.47 -13.53 5.88
CA VAL A 177 16.90 -12.27 5.46
C VAL A 177 15.71 -12.49 4.52
N ASP A 178 14.68 -11.67 4.69
CA ASP A 178 13.50 -11.83 3.84
C ASP A 178 13.80 -11.46 2.39
N MET A 179 12.97 -11.98 1.50
CA MET A 179 13.07 -11.74 0.07
C MET A 179 13.21 -10.25 -0.22
N ALA A 180 12.51 -9.44 0.57
CA ALA A 180 12.54 -7.99 0.39
C ALA A 180 13.76 -7.29 0.96
N GLY A 181 14.61 -8.06 1.64
CA GLY A 181 15.78 -7.46 2.26
C GLY A 181 17.10 -7.45 1.52
N PHE A 182 17.08 -7.70 0.21
CA PHE A 182 18.33 -7.71 -0.55
C PHE A 182 18.08 -7.46 -2.04
N ALA A 183 19.16 -7.17 -2.76
CA ALA A 183 19.10 -6.97 -4.21
C ALA A 183 20.38 -7.58 -4.78
N VAL A 184 20.31 -7.99 -6.05
CA VAL A 184 21.43 -8.64 -6.72
C VAL A 184 21.83 -7.95 -8.02
N ALA A 185 23.14 -7.81 -8.22
CA ALA A 185 23.67 -7.19 -9.43
C ALA A 185 23.32 -8.06 -10.64
N LEU A 186 22.75 -7.44 -11.66
CA LEU A 186 22.36 -8.16 -12.87
C LEU A 186 23.51 -8.98 -13.47
N PRO A 187 24.70 -8.38 -13.61
CA PRO A 187 25.83 -9.12 -14.19
C PRO A 187 26.15 -10.39 -13.39
N LEU A 188 25.99 -10.32 -12.07
CA LEU A 188 26.27 -11.45 -11.21
C LEU A 188 25.29 -12.59 -11.49
N LEU A 189 24.03 -12.24 -11.74
CA LEU A 189 23.02 -13.25 -12.02
C LEU A 189 23.29 -13.96 -13.33
N LEU A 190 23.70 -13.20 -14.34
CA LEU A 190 24.00 -13.77 -15.65
C LEU A 190 25.28 -14.58 -15.57
N ASP A 191 26.17 -14.20 -14.66
CA ASP A 191 27.43 -14.91 -14.49
C ASP A 191 27.26 -16.18 -13.65
N LYS A 192 26.11 -16.28 -12.99
CA LYS A 192 25.81 -17.44 -12.16
C LYS A 192 24.50 -18.05 -12.66
N PRO A 193 24.55 -18.73 -13.83
CA PRO A 193 23.40 -19.36 -14.47
C PRO A 193 22.61 -20.33 -13.59
N ASN A 194 23.30 -21.01 -12.68
CA ASN A 194 22.64 -21.97 -11.80
C ASN A 194 21.89 -21.28 -10.67
N ALA A 195 22.19 -20.01 -10.43
CA ALA A 195 21.54 -19.27 -9.37
C ALA A 195 20.05 -19.07 -9.65
N GLN A 196 19.24 -19.73 -8.83
CA GLN A 196 17.78 -19.61 -8.93
C GLN A 196 17.19 -20.04 -7.60
N PHE A 197 15.89 -19.84 -7.44
CA PHE A 197 15.23 -20.22 -6.20
C PHE A 197 14.87 -21.70 -6.21
N ASP A 198 15.08 -22.35 -5.08
CA ASP A 198 14.82 -23.78 -4.93
C ASP A 198 13.44 -24.05 -4.35
N SER A 199 12.56 -24.64 -5.15
CA SER A 199 11.21 -24.95 -4.71
C SER A 199 11.18 -26.07 -3.67
N THR A 200 12.29 -26.79 -3.51
CA THR A 200 12.35 -27.87 -2.54
C THR A 200 12.94 -27.46 -1.19
N ALA A 201 13.33 -26.19 -1.07
CA ALA A 201 13.93 -25.69 0.16
C ALA A 201 12.93 -25.52 1.31
N PRO A 202 13.38 -25.74 2.56
CA PRO A 202 12.51 -25.61 3.73
C PRO A 202 11.89 -24.21 3.81
N ARG A 203 10.76 -24.13 4.49
CA ARG A 203 10.00 -22.89 4.67
C ARG A 203 11.05 -21.97 5.28
N GLY A 204 11.30 -20.82 4.65
CA GLY A 204 12.32 -19.91 5.17
C GLY A 204 13.72 -19.92 4.58
N HIS A 205 14.07 -20.97 3.85
CA HIS A 205 15.40 -21.07 3.25
C HIS A 205 15.37 -20.75 1.77
N LEU A 206 14.26 -20.16 1.33
CA LEU A 206 14.11 -19.82 -0.07
C LEU A 206 15.17 -18.80 -0.50
N GLU A 207 15.33 -17.75 0.29
CA GLU A 207 16.30 -16.70 -0.03
C GLU A 207 17.73 -17.26 -0.08
N SER A 208 18.08 -18.09 0.89
CA SER A 208 19.41 -18.68 0.91
C SER A 208 19.65 -19.59 -0.30
N SER A 209 18.60 -20.23 -0.81
CA SER A 209 18.76 -21.13 -1.95
C SER A 209 19.29 -20.42 -3.18
N LEU A 210 19.01 -19.11 -3.28
CA LEU A 210 19.50 -18.33 -4.43
C LEU A 210 20.85 -17.71 -4.09
N LEU A 211 20.87 -16.93 -3.01
CA LEU A 211 22.07 -16.22 -2.56
C LEU A 211 23.33 -17.07 -2.33
N SER A 212 23.19 -18.31 -1.88
CA SER A 212 24.35 -19.17 -1.66
C SER A 212 25.16 -19.43 -2.92
N HIS A 213 24.52 -19.27 -4.08
CA HIS A 213 25.21 -19.47 -5.35
C HIS A 213 25.86 -18.17 -5.80
N LEU A 214 25.57 -17.08 -5.10
CA LEU A 214 26.07 -15.77 -5.48
C LEU A 214 27.17 -15.16 -4.60
N VAL A 215 27.06 -15.29 -3.29
CA VAL A 215 28.04 -14.72 -2.37
C VAL A 215 28.05 -15.41 -1.02
N ASP A 216 28.98 -14.99 -0.17
CA ASP A 216 29.06 -15.50 1.18
C ASP A 216 28.45 -14.35 1.97
N PRO A 217 27.74 -14.64 3.07
CA PRO A 217 27.13 -13.55 3.85
C PRO A 217 28.11 -12.43 4.22
N LYS A 218 29.39 -12.75 4.39
CA LYS A 218 30.37 -11.74 4.75
C LYS A 218 30.63 -10.71 3.67
N ASP A 219 30.32 -11.08 2.42
CA ASP A 219 30.51 -10.17 1.30
C ASP A 219 29.26 -9.37 0.99
N LEU A 220 28.27 -9.46 1.86
CA LEU A 220 27.03 -8.72 1.67
C LEU A 220 27.31 -7.22 1.81
N GLU A 221 26.73 -6.43 0.92
CA GLU A 221 26.89 -4.98 0.93
C GLU A 221 25.78 -4.34 1.77
N PRO A 222 26.11 -3.88 2.98
CA PRO A 222 25.12 -3.26 3.85
C PRO A 222 24.72 -1.87 3.38
N ARG A 223 23.43 -1.66 3.18
CA ARG A 223 22.91 -0.38 2.74
C ARG A 223 21.98 0.17 3.83
N ALA A 224 21.24 1.22 3.50
CA ALA A 224 20.32 1.82 4.46
C ALA A 224 21.06 2.32 5.71
N ALA A 225 22.10 3.13 5.50
CA ALA A 225 22.90 3.68 6.59
C ALA A 225 23.45 2.57 7.47
N ASN A 226 24.22 1.68 6.86
CA ASN A 226 24.81 0.53 7.54
C ASN A 226 23.75 -0.28 8.27
N CYS A 227 22.62 -0.47 7.62
CA CYS A 227 21.51 -1.25 8.16
C CYS A 227 20.91 -0.72 9.46
N THR A 228 20.71 0.59 9.53
CA THR A 228 20.12 1.20 10.71
C THR A 228 18.78 1.83 10.35
N ARG A 229 18.42 1.77 9.07
CA ARG A 229 17.16 2.33 8.63
C ARG A 229 16.27 1.25 8.01
N VAL A 230 15.02 1.22 8.43
CA VAL A 230 14.06 0.27 7.91
C VAL A 230 13.31 0.99 6.81
N LEU A 231 13.56 0.57 5.57
CA LEU A 231 12.96 1.21 4.39
C LEU A 231 11.96 0.33 3.64
N VAL A 232 11.67 -0.84 4.20
CA VAL A 232 10.70 -1.75 3.60
C VAL A 232 10.04 -2.55 4.73
N TRP A 233 8.76 -2.87 4.56
CA TRP A 233 8.01 -3.59 5.60
C TRP A 233 7.29 -4.78 5.00
N HIS A 234 7.35 -5.92 5.68
CA HIS A 234 6.71 -7.14 5.23
C HIS A 234 5.22 -7.16 5.62
N THR A 235 4.49 -6.16 5.14
CA THR A 235 3.07 -6.06 5.43
C THR A 235 2.30 -7.15 4.69
N ARG A 236 1.20 -7.57 5.27
CA ARG A 236 0.33 -8.57 4.66
C ARG A 236 -1.09 -8.03 4.76
N THR A 237 -1.88 -8.29 3.72
CA THR A 237 -3.25 -7.80 3.67
C THR A 237 -4.25 -8.84 4.15
N GLU A 238 -5.24 -8.39 4.92
CA GLU A 238 -6.27 -9.28 5.45
C GLU A 238 -7.17 -9.79 4.33
N LYS A 239 -7.54 -11.07 4.41
CA LYS A 239 -8.43 -11.62 3.41
C LYS A 239 -9.79 -10.99 3.67
N PRO A 240 -10.42 -10.43 2.63
CA PRO A 240 -11.73 -9.80 2.75
C PRO A 240 -12.82 -10.76 3.22
N LYS A 241 -13.71 -10.26 4.09
CA LYS A 241 -14.84 -11.05 4.58
C LYS A 241 -15.87 -11.00 3.46
N MET A 242 -16.33 -12.17 3.01
CA MET A 242 -17.29 -12.23 1.92
C MET A 242 -18.61 -12.95 2.25
N LYS A 243 -18.95 -13.04 3.52
CA LYS A 243 -20.19 -13.70 3.93
C LYS A 243 -21.40 -13.10 3.23
N GLN A 244 -21.54 -11.78 3.29
CA GLN A 244 -22.68 -11.11 2.67
C GLN A 244 -22.73 -11.32 1.16
N GLU A 245 -21.57 -11.27 0.50
CA GLU A 245 -21.51 -11.47 -0.94
C GLU A 245 -22.10 -12.84 -1.28
N GLU A 246 -21.72 -13.83 -0.49
CA GLU A 246 -22.20 -15.19 -0.70
C GLU A 246 -23.73 -15.25 -0.59
N GLN A 247 -24.28 -14.53 0.38
CA GLN A 247 -25.72 -14.50 0.57
C GLN A 247 -26.42 -13.78 -0.57
N LEU A 248 -25.93 -12.61 -0.93
CA LEU A 248 -26.52 -11.82 -2.02
C LEU A 248 -26.55 -12.59 -3.33
N GLN A 249 -25.55 -13.43 -3.55
CA GLN A 249 -25.49 -14.21 -4.77
C GLN A 249 -26.70 -15.14 -4.86
N ARG A 250 -26.91 -15.91 -3.80
CA ARG A 250 -28.02 -16.85 -3.75
C ARG A 250 -29.35 -16.18 -4.10
N GLN A 251 -29.53 -14.95 -3.64
CA GLN A 251 -30.76 -14.21 -3.90
C GLN A 251 -30.82 -13.70 -5.33
N GLY A 252 -29.71 -13.83 -6.06
CA GLY A 252 -29.65 -13.38 -7.43
C GLY A 252 -29.30 -11.91 -7.55
N ARG A 253 -28.74 -11.34 -6.48
CA ARG A 253 -28.36 -9.94 -6.50
C ARG A 253 -26.91 -9.71 -6.05
N GLY A 254 -26.03 -10.62 -6.45
CA GLY A 254 -24.63 -10.49 -6.09
C GLY A 254 -24.01 -9.28 -6.75
N SER A 255 -22.86 -8.84 -6.23
CA SER A 255 -22.18 -7.68 -6.79
C SER A 255 -21.97 -7.88 -8.29
N ASP A 256 -22.36 -6.87 -9.07
CA ASP A 256 -22.23 -6.90 -10.52
C ASP A 256 -20.86 -7.45 -10.95
N PRO A 257 -20.82 -8.64 -11.56
CA PRO A 257 -19.58 -9.27 -12.01
C PRO A 257 -18.87 -8.48 -13.11
N ALA A 258 -19.61 -7.60 -13.79
CA ALA A 258 -19.03 -6.79 -14.86
C ALA A 258 -18.20 -5.64 -14.31
N ILE A 259 -18.19 -5.45 -13.00
CA ILE A 259 -17.40 -4.40 -12.36
C ILE A 259 -16.17 -5.05 -11.73
N GLU A 260 -15.01 -4.79 -12.32
CA GLU A 260 -13.76 -5.37 -11.85
C GLU A 260 -13.36 -4.81 -10.48
N VAL A 261 -12.89 -5.70 -9.59
CA VAL A 261 -12.46 -5.30 -8.27
C VAL A 261 -11.03 -5.75 -8.00
N MET B 1 -9.07 23.16 -8.43
CA MET B 1 -9.84 22.62 -7.26
C MET B 1 -8.93 21.82 -6.33
N THR B 2 -8.75 22.32 -5.11
CA THR B 2 -7.89 21.66 -4.14
C THR B 2 -8.64 20.58 -3.37
N ILE B 3 -8.02 19.41 -3.25
CA ILE B 3 -8.62 18.31 -2.52
C ILE B 3 -7.99 18.22 -1.14
N TYR B 4 -8.81 18.34 -0.10
CA TYR B 4 -8.32 18.23 1.27
C TYR B 4 -8.61 16.81 1.74
N VAL B 5 -7.53 16.06 1.96
CA VAL B 5 -7.62 14.67 2.39
C VAL B 5 -7.46 14.55 3.90
N VAL B 6 -8.54 14.18 4.58
CA VAL B 6 -8.53 14.05 6.04
C VAL B 6 -8.25 12.60 6.42
N THR B 7 -7.09 12.38 7.05
CA THR B 7 -6.67 11.05 7.45
C THR B 7 -6.35 10.94 8.93
N PRO B 8 -7.14 10.16 9.67
CA PRO B 8 -6.86 10.01 11.09
C PRO B 8 -5.87 8.84 11.16
N THR B 9 -4.87 8.94 12.02
CA THR B 9 -3.90 7.86 12.15
C THR B 9 -3.58 7.66 13.61
N TYR B 10 -3.02 6.50 13.93
CA TYR B 10 -2.67 6.17 15.31
C TYR B 10 -1.48 5.22 15.29
N ALA B 11 -0.68 5.28 16.35
CA ALA B 11 0.50 4.44 16.44
C ALA B 11 0.18 2.97 16.69
N ARG B 12 0.81 2.12 15.88
CA ARG B 12 0.73 0.67 16.00
C ARG B 12 1.82 0.18 15.07
N LEU B 13 2.18 -1.08 15.19
CA LEU B 13 3.28 -1.64 14.39
C LEU B 13 3.32 -1.25 12.92
N VAL B 14 2.20 -1.39 12.22
CA VAL B 14 2.19 -1.07 10.78
C VAL B 14 1.94 0.39 10.43
N GLN B 15 1.85 1.28 11.43
CA GLN B 15 1.54 2.67 11.11
C GLN B 15 2.41 3.32 10.05
N LYS B 16 3.73 3.33 10.25
CA LYS B 16 4.61 3.96 9.30
C LYS B 16 4.43 3.36 7.90
N ALA B 17 4.40 2.03 7.80
CA ALA B 17 4.21 1.38 6.51
C ALA B 17 2.96 1.93 5.82
N GLU B 18 1.84 1.97 6.55
CA GLU B 18 0.58 2.47 6.02
C GLU B 18 0.75 3.90 5.52
N LEU B 19 1.35 4.74 6.35
CA LEU B 19 1.56 6.14 5.99
C LEU B 19 2.56 6.31 4.85
N VAL B 20 3.53 5.40 4.76
CA VAL B 20 4.49 5.48 3.68
C VAL B 20 3.78 5.23 2.34
N ARG B 21 3.04 4.13 2.22
CA ARG B 21 2.38 3.88 0.94
C ARG B 21 1.27 4.86 0.63
N LEU B 22 0.59 5.36 1.65
CA LEU B 22 -0.49 6.34 1.43
C LEU B 22 0.10 7.67 0.96
N SER B 23 1.14 8.15 1.64
CA SER B 23 1.73 9.41 1.24
C SER B 23 2.36 9.29 -0.15
N GLN B 24 2.87 8.10 -0.48
CA GLN B 24 3.47 7.89 -1.78
C GLN B 24 2.39 7.98 -2.86
N THR B 25 1.20 7.49 -2.55
CA THR B 25 0.10 7.55 -3.49
C THR B 25 -0.34 9.00 -3.65
N LEU B 26 -0.47 9.72 -2.53
CA LEU B 26 -0.91 11.11 -2.54
C LEU B 26 0.06 12.05 -3.27
N SER B 27 1.34 11.72 -3.25
CA SER B 27 2.34 12.56 -3.91
C SER B 27 2.13 12.54 -5.43
N LEU B 28 1.23 11.69 -5.89
CA LEU B 28 0.93 11.57 -7.32
C LEU B 28 -0.25 12.46 -7.72
N VAL B 29 -0.90 13.07 -6.74
CA VAL B 29 -2.05 13.91 -6.98
C VAL B 29 -1.77 15.39 -6.84
N PRO B 30 -2.01 16.17 -7.90
CA PRO B 30 -1.76 17.61 -7.83
C PRO B 30 -2.88 18.32 -7.08
N ARG B 31 -2.57 19.49 -6.54
CA ARG B 31 -3.55 20.29 -5.83
C ARG B 31 -4.20 19.49 -4.71
N LEU B 32 -3.36 18.82 -3.93
CA LEU B 32 -3.85 18.02 -2.82
C LEU B 32 -3.22 18.52 -1.52
N HIS B 33 -4.03 18.63 -0.48
CA HIS B 33 -3.57 19.10 0.82
C HIS B 33 -3.97 18.03 1.84
N TRP B 34 -2.96 17.38 2.40
CA TRP B 34 -3.18 16.30 3.36
C TRP B 34 -3.35 16.79 4.79
N LEU B 35 -4.49 16.45 5.39
CA LEU B 35 -4.76 16.82 6.77
C LEU B 35 -4.64 15.54 7.58
N LEU B 36 -3.44 15.28 8.07
CA LEU B 36 -3.15 14.09 8.85
C LEU B 36 -3.34 14.40 10.33
N VAL B 37 -4.28 13.71 10.96
CA VAL B 37 -4.59 13.94 12.37
C VAL B 37 -4.26 12.72 13.23
N GLU B 38 -3.27 12.85 14.10
CA GLU B 38 -2.88 11.75 14.97
C GLU B 38 -3.82 11.59 16.16
N ASP B 39 -4.13 10.34 16.45
CA ASP B 39 -4.96 10.00 17.59
C ASP B 39 -3.89 9.69 18.64
N ALA B 40 -3.32 10.74 19.23
CA ALA B 40 -2.28 10.60 20.23
C ALA B 40 -2.33 11.72 21.28
N GLU B 41 -1.46 11.61 22.29
CA GLU B 41 -1.40 12.60 23.36
C GLU B 41 -0.58 13.81 22.91
N GLY B 42 0.16 13.64 21.82
CA GLY B 42 0.97 14.72 21.30
C GLY B 42 1.50 14.31 19.95
N PRO B 43 2.06 15.23 19.18
CA PRO B 43 2.59 14.83 17.87
C PRO B 43 3.74 13.84 18.09
N THR B 44 3.82 12.82 17.24
CA THR B 44 4.90 11.85 17.37
C THR B 44 5.99 12.17 16.36
N PRO B 45 7.25 12.00 16.76
CA PRO B 45 8.36 12.29 15.85
C PRO B 45 8.20 11.48 14.55
N LEU B 46 7.64 10.28 14.68
CA LEU B 46 7.44 9.39 13.53
C LEU B 46 6.57 10.08 12.49
N VAL B 47 5.40 10.54 12.91
CA VAL B 47 4.49 11.19 11.97
C VAL B 47 5.07 12.53 11.50
N SER B 48 5.50 13.36 12.45
CA SER B 48 6.07 14.66 12.10
C SER B 48 7.19 14.49 11.06
N GLY B 49 8.08 13.54 11.31
CA GLY B 49 9.17 13.30 10.40
C GLY B 49 8.69 12.79 9.05
N LEU B 50 7.78 11.83 9.07
CA LEU B 50 7.25 11.28 7.82
C LEU B 50 6.67 12.41 6.97
N LEU B 51 5.90 13.29 7.61
CA LEU B 51 5.29 14.43 6.91
C LEU B 51 6.33 15.41 6.34
N ALA B 52 7.30 15.80 7.16
CA ALA B 52 8.32 16.74 6.72
C ALA B 52 9.11 16.22 5.53
N ALA B 53 9.28 14.90 5.45
CA ALA B 53 10.03 14.31 4.36
C ALA B 53 9.16 13.86 3.18
N SER B 54 7.84 14.00 3.30
CA SER B 54 6.94 13.55 2.23
C SER B 54 6.96 14.45 1.01
N GLY B 55 7.22 15.72 1.22
CA GLY B 55 7.24 16.68 0.13
C GLY B 55 5.84 17.06 -0.28
N LEU B 56 4.86 16.65 0.53
CA LEU B 56 3.45 16.95 0.26
C LEU B 56 3.00 18.23 0.96
N LEU B 57 1.91 18.81 0.46
CA LEU B 57 1.34 19.99 1.09
C LEU B 57 0.49 19.37 2.19
N PHE B 58 0.79 19.69 3.44
CA PHE B 58 0.06 19.09 4.54
C PHE B 58 -0.11 20.00 5.74
N THR B 59 -0.99 19.58 6.64
CA THR B 59 -1.23 20.26 7.88
C THR B 59 -1.31 19.12 8.89
N HIS B 60 -0.52 19.24 9.95
CA HIS B 60 -0.46 18.22 10.99
C HIS B 60 -1.34 18.62 12.17
N LEU B 61 -2.25 17.74 12.56
CA LEU B 61 -3.16 17.98 13.67
C LEU B 61 -3.07 16.79 14.65
N VAL B 62 -3.42 17.04 15.91
CA VAL B 62 -3.37 16.00 16.93
C VAL B 62 -4.55 16.11 17.89
N VAL B 63 -5.11 14.97 18.27
CA VAL B 63 -6.21 14.92 19.22
C VAL B 63 -6.43 13.48 19.65
N LEU B 64 -6.49 13.27 20.97
CA LEU B 64 -6.65 11.95 21.53
C LEU B 64 -8.08 11.46 21.74
N THR B 65 -8.31 10.21 21.39
CA THR B 65 -9.61 9.59 21.58
C THR B 65 -9.41 8.68 22.79
N PRO B 66 -10.01 9.02 23.95
CA PRO B 66 -9.87 8.20 25.16
C PRO B 66 -10.32 6.75 24.98
N HIS B 80 -16.31 0.57 19.38
CA HIS B 80 -16.89 1.88 19.14
C HIS B 80 -16.10 2.65 18.08
N PRO B 81 -16.78 3.35 17.17
CA PRO B 81 -16.15 4.12 16.09
C PRO B 81 -14.84 4.80 16.43
N ARG B 82 -13.91 4.73 15.48
CA ARG B 82 -12.58 5.31 15.63
C ARG B 82 -12.30 6.36 14.56
N GLY B 83 -11.31 7.22 14.84
CA GLY B 83 -10.95 8.27 13.91
C GLY B 83 -11.95 9.41 13.87
N VAL B 84 -12.96 9.35 14.74
CA VAL B 84 -13.99 10.37 14.77
C VAL B 84 -13.47 11.73 15.25
N GLU B 85 -13.01 11.79 16.50
CA GLU B 85 -12.51 13.04 17.04
C GLU B 85 -11.43 13.63 16.14
N GLN B 86 -10.64 12.76 15.51
CA GLN B 86 -9.58 13.19 14.62
C GLN B 86 -10.14 13.89 13.38
N ARG B 87 -11.12 13.26 12.74
CA ARG B 87 -11.73 13.84 11.54
C ARG B 87 -12.45 15.14 11.88
N ASN B 88 -13.10 15.18 13.05
CA ASN B 88 -13.83 16.39 13.45
C ASN B 88 -12.87 17.54 13.71
N LYS B 89 -11.68 17.24 14.21
CA LYS B 89 -10.71 18.30 14.47
C LYS B 89 -10.21 18.85 13.14
N ALA B 90 -10.08 17.98 12.15
CA ALA B 90 -9.64 18.43 10.82
C ALA B 90 -10.70 19.39 10.29
N LEU B 91 -11.96 19.09 10.56
CA LEU B 91 -13.06 19.95 10.12
C LEU B 91 -13.02 21.29 10.85
N ASP B 92 -12.75 21.25 12.15
CA ASP B 92 -12.66 22.49 12.91
C ASP B 92 -11.59 23.39 12.30
N TRP B 93 -10.47 22.79 11.92
CA TRP B 93 -9.38 23.54 11.32
C TRP B 93 -9.82 24.21 10.01
N LEU B 94 -10.52 23.44 9.17
CA LEU B 94 -11.00 23.96 7.90
C LEU B 94 -11.96 25.13 8.13
N ARG B 95 -12.65 25.12 9.27
CA ARG B 95 -13.60 26.16 9.60
C ARG B 95 -12.93 27.32 10.34
N GLY B 96 -11.61 27.35 10.29
CA GLY B 96 -10.85 28.42 10.92
C GLY B 96 -10.75 28.42 12.44
N ARG B 97 -10.84 27.25 13.07
CA ARG B 97 -10.76 27.20 14.52
C ARG B 97 -9.37 26.79 14.99
N GLY B 98 -8.39 26.87 14.09
CA GLY B 98 -7.02 26.52 14.43
C GLY B 98 -6.83 25.07 14.87
N GLY B 99 -5.69 24.78 15.48
CA GLY B 99 -5.42 23.43 15.94
C GLY B 99 -4.24 22.74 15.26
N ALA B 100 -3.57 23.43 14.36
CA ALA B 100 -2.43 22.85 13.65
C ALA B 100 -1.13 22.88 14.48
N VAL B 101 -0.40 21.76 14.45
CA VAL B 101 0.87 21.66 15.17
C VAL B 101 2.04 21.59 14.20
N GLY B 102 1.74 21.51 12.91
CA GLY B 102 2.78 21.42 11.90
C GLY B 102 2.22 21.64 10.51
N GLY B 103 3.09 21.90 9.54
CA GLY B 103 2.66 22.12 8.18
C GLY B 103 1.99 23.48 8.00
N GLU B 104 1.05 23.55 7.05
CA GLU B 104 0.32 24.79 6.77
C GLU B 104 -0.65 25.08 7.91
N LYS B 105 -0.28 26.00 8.78
CA LYS B 105 -1.11 26.37 9.92
C LYS B 105 -2.39 27.11 9.56
N ASP B 106 -2.35 27.90 8.50
CA ASP B 106 -3.52 28.67 8.09
C ASP B 106 -4.49 27.88 7.23
N PRO B 107 -5.77 27.85 7.62
CA PRO B 107 -6.80 27.12 6.88
C PRO B 107 -7.21 27.90 5.64
N PRO B 108 -7.97 27.26 4.73
CA PRO B 108 -8.42 27.94 3.52
C PRO B 108 -9.29 29.11 3.94
N PRO B 109 -9.08 30.29 3.33
CA PRO B 109 -9.89 31.45 3.71
C PRO B 109 -11.38 31.23 3.44
N PRO B 110 -12.25 32.02 4.07
CA PRO B 110 -13.69 31.86 3.86
C PRO B 110 -14.05 32.02 2.38
N GLY B 111 -14.95 31.16 1.89
CA GLY B 111 -15.35 31.24 0.50
C GLY B 111 -14.39 30.58 -0.46
N THR B 112 -13.46 29.80 0.06
CA THR B 112 -12.48 29.10 -0.77
C THR B 112 -13.13 27.87 -1.39
N GLN B 113 -12.87 27.63 -2.66
CA GLN B 113 -13.41 26.48 -3.36
C GLN B 113 -12.58 25.26 -2.99
N GLY B 114 -13.18 24.09 -3.02
CA GLY B 114 -12.46 22.88 -2.68
C GLY B 114 -13.37 21.71 -2.40
N VAL B 115 -12.76 20.56 -2.16
CA VAL B 115 -13.50 19.33 -1.88
C VAL B 115 -12.77 18.58 -0.77
N VAL B 116 -13.54 18.06 0.18
CA VAL B 116 -12.97 17.34 1.31
C VAL B 116 -13.23 15.84 1.16
N TYR B 117 -12.17 15.05 1.37
CA TYR B 117 -12.27 13.59 1.26
C TYR B 117 -11.68 12.92 2.50
N PHE B 118 -12.46 12.04 3.12
CA PHE B 118 -12.03 11.35 4.32
C PHE B 118 -11.42 9.99 3.97
N ALA B 119 -10.09 9.98 3.90
CA ALA B 119 -9.32 8.79 3.55
C ALA B 119 -8.58 8.15 4.72
N ASP B 120 -9.06 6.99 5.15
CA ASP B 120 -8.45 6.25 6.25
C ASP B 120 -7.07 5.79 5.81
N ASP B 121 -6.15 5.63 6.77
CA ASP B 121 -4.78 5.25 6.43
C ASP B 121 -4.45 3.84 5.96
N ASP B 122 -5.44 2.96 5.86
CA ASP B 122 -5.15 1.60 5.39
C ASP B 122 -5.86 1.20 4.10
N ASN B 123 -6.71 2.06 3.57
CA ASN B 123 -7.41 1.74 2.32
C ASN B 123 -6.42 1.87 1.17
N THR B 124 -6.84 1.45 -0.01
CA THR B 124 -6.02 1.58 -1.22
C THR B 124 -6.78 2.55 -2.12
N TYR B 125 -6.09 3.60 -2.54
CA TYR B 125 -6.70 4.60 -3.39
C TYR B 125 -6.03 4.67 -4.75
N SER B 126 -6.84 4.60 -5.80
CA SER B 126 -6.32 4.71 -7.17
C SER B 126 -6.10 6.19 -7.42
N ARG B 127 -5.14 6.55 -8.27
CA ARG B 127 -4.94 7.97 -8.52
C ARG B 127 -6.14 8.58 -9.27
N GLU B 128 -6.82 7.76 -10.08
CA GLU B 128 -7.99 8.23 -10.84
C GLU B 128 -9.11 8.70 -9.91
N LEU B 129 -9.20 8.08 -8.75
CA LEU B 129 -10.24 8.43 -7.78
C LEU B 129 -10.31 9.92 -7.50
N PHE B 130 -9.15 10.52 -7.27
CA PHE B 130 -9.07 11.94 -6.95
C PHE B 130 -9.55 12.87 -8.05
N GLU B 131 -9.31 12.50 -9.31
CA GLU B 131 -9.75 13.34 -10.40
C GLU B 131 -11.27 13.33 -10.52
N GLU B 132 -11.87 12.23 -10.10
CA GLU B 132 -13.32 12.07 -10.12
C GLU B 132 -14.03 13.03 -9.15
N MET B 133 -13.49 13.17 -7.95
CA MET B 133 -14.09 14.02 -6.92
C MET B 133 -13.88 15.53 -7.03
N ARG B 134 -12.96 15.97 -7.90
CA ARG B 134 -12.71 17.40 -8.03
C ARG B 134 -13.92 18.17 -8.52
N TRP B 135 -14.81 17.49 -9.23
CA TRP B 135 -16.00 18.13 -9.78
C TRP B 135 -17.20 18.12 -8.84
N THR B 136 -16.99 17.69 -7.60
CA THR B 136 -18.06 17.64 -6.63
C THR B 136 -18.70 19.00 -6.39
N ARG B 137 -20.03 19.07 -6.54
CA ARG B 137 -20.78 20.30 -6.32
C ARG B 137 -21.23 20.33 -4.86
N GLY B 138 -21.83 19.23 -4.43
CA GLY B 138 -22.29 19.11 -3.06
C GLY B 138 -21.58 17.93 -2.45
N VAL B 139 -22.10 16.73 -2.73
CA VAL B 139 -21.50 15.49 -2.24
C VAL B 139 -21.55 14.48 -3.37
N SER B 140 -20.41 13.86 -3.67
CA SER B 140 -20.38 12.85 -4.73
C SER B 140 -20.14 11.46 -4.13
N VAL B 141 -20.54 10.43 -4.87
CA VAL B 141 -20.37 9.06 -4.40
C VAL B 141 -19.83 8.14 -5.49
N TRP B 142 -19.25 7.02 -5.05
CA TRP B 142 -18.70 6.02 -5.95
C TRP B 142 -18.56 4.71 -5.19
N PRO B 143 -18.46 3.59 -5.92
CA PRO B 143 -18.32 2.30 -5.24
C PRO B 143 -17.00 2.13 -4.51
N VAL B 144 -17.01 1.32 -3.46
CA VAL B 144 -15.83 1.02 -2.67
C VAL B 144 -15.72 -0.50 -2.71
N GLY B 145 -14.53 -1.00 -3.04
CA GLY B 145 -14.37 -2.43 -3.11
C GLY B 145 -14.04 -3.09 -1.78
N LEU B 146 -14.35 -4.37 -1.69
CA LEU B 146 -14.06 -5.18 -0.51
C LEU B 146 -14.45 -4.56 0.82
N VAL B 147 -15.71 -4.15 0.92
CA VAL B 147 -16.20 -3.56 2.15
C VAL B 147 -17.64 -3.99 2.36
N GLY B 148 -18.10 -3.96 3.60
CA GLY B 148 -19.47 -4.36 3.90
C GLY B 148 -19.73 -5.82 3.58
N GLY B 149 -18.66 -6.61 3.53
CA GLY B 149 -18.78 -8.04 3.24
C GLY B 149 -19.07 -8.37 1.79
N LEU B 150 -18.90 -7.40 0.90
CA LEU B 150 -19.16 -7.59 -0.53
C LEU B 150 -17.94 -7.36 -1.42
N ARG B 151 -18.02 -7.80 -2.67
CA ARG B 151 -16.92 -7.59 -3.62
C ARG B 151 -16.74 -6.09 -3.68
N PHE B 152 -17.88 -5.40 -3.70
CA PHE B 152 -17.88 -3.94 -3.70
C PHE B 152 -19.26 -3.48 -3.26
N GLU B 153 -19.28 -2.30 -2.65
CA GLU B 153 -20.51 -1.70 -2.16
C GLU B 153 -20.62 -0.37 -2.88
N GLY B 154 -21.77 -0.09 -3.47
CA GLY B 154 -21.90 1.18 -4.18
C GLY B 154 -23.30 1.61 -4.54
N PRO B 155 -23.47 2.88 -4.90
CA PRO B 155 -24.77 3.45 -5.29
C PRO B 155 -25.32 2.82 -6.55
N GLN B 156 -26.63 2.69 -6.61
CA GLN B 156 -27.30 2.15 -7.80
C GLN B 156 -27.63 3.39 -8.60
N VAL B 157 -27.24 3.42 -9.87
CA VAL B 157 -27.48 4.58 -10.71
C VAL B 157 -28.38 4.29 -11.89
N GLN B 158 -29.28 5.23 -12.16
CA GLN B 158 -30.22 5.13 -13.28
C GLN B 158 -30.31 6.51 -13.91
N ASP B 159 -29.91 6.59 -15.18
CA ASP B 159 -29.94 7.85 -15.92
C ASP B 159 -29.09 8.91 -15.22
N GLY B 160 -28.01 8.47 -14.58
CA GLY B 160 -27.13 9.40 -13.89
C GLY B 160 -27.58 9.87 -12.52
N ARG B 161 -28.58 9.20 -11.96
CA ARG B 161 -29.10 9.55 -10.64
C ARG B 161 -29.08 8.36 -9.69
N VAL B 162 -28.74 8.61 -8.43
CA VAL B 162 -28.70 7.57 -7.43
C VAL B 162 -30.13 7.18 -7.07
N VAL B 163 -30.51 5.96 -7.39
CA VAL B 163 -31.86 5.48 -7.11
C VAL B 163 -31.87 4.44 -5.99
N GLY B 164 -30.69 4.07 -5.50
CA GLY B 164 -30.58 3.09 -4.44
C GLY B 164 -29.14 2.78 -4.11
N PHE B 165 -28.92 1.81 -3.23
CA PHE B 165 -27.57 1.43 -2.86
C PHE B 165 -27.37 -0.08 -2.81
N HIS B 166 -26.28 -0.54 -3.40
CA HIS B 166 -25.94 -1.96 -3.41
C HIS B 166 -25.19 -2.15 -2.08
N THR B 167 -25.88 -2.69 -1.10
CA THR B 167 -25.31 -2.92 0.22
C THR B 167 -26.05 -4.09 0.88
N ALA B 168 -25.44 -4.70 1.90
CA ALA B 168 -26.06 -5.82 2.57
C ALA B 168 -26.41 -5.53 4.03
N TRP B 169 -25.76 -4.53 4.61
CA TRP B 169 -26.01 -4.18 6.00
C TRP B 169 -27.06 -3.09 6.17
N GLU B 170 -28.10 -3.40 6.95
CA GLU B 170 -29.19 -2.47 7.24
C GLU B 170 -29.43 -1.42 6.15
N ARG B 173 -29.93 2.80 7.56
CA ARG B 173 -28.90 3.75 7.16
C ARG B 173 -29.30 4.54 5.92
N PRO B 174 -29.47 5.86 6.04
CA PRO B 174 -29.85 6.66 4.88
C PRO B 174 -28.69 6.78 3.88
N PHE B 175 -27.45 6.68 4.38
CA PHE B 175 -26.27 6.75 3.53
C PHE B 175 -25.41 5.51 3.79
N PRO B 176 -25.80 4.37 3.19
CA PRO B 176 -25.08 3.10 3.34
C PRO B 176 -23.82 3.04 2.49
N VAL B 177 -22.94 4.01 2.70
CA VAL B 177 -21.68 4.09 1.96
C VAL B 177 -20.54 4.18 2.95
N ASP B 178 -19.39 3.60 2.60
CA ASP B 178 -18.24 3.64 3.46
C ASP B 178 -17.58 5.01 3.42
N MET B 179 -16.85 5.33 4.49
CA MET B 179 -16.14 6.60 4.58
C MET B 179 -15.39 6.91 3.28
N ALA B 180 -14.77 5.88 2.71
CA ALA B 180 -13.99 6.04 1.48
C ALA B 180 -14.81 6.24 0.20
N GLY B 181 -16.13 6.11 0.31
CA GLY B 181 -16.97 6.24 -0.87
C GLY B 181 -17.64 7.56 -1.20
N PHE B 182 -17.16 8.67 -0.63
CA PHE B 182 -17.78 9.95 -0.93
C PHE B 182 -16.82 11.10 -0.65
N ALA B 183 -17.15 12.28 -1.18
CA ALA B 183 -16.37 13.49 -0.97
C ALA B 183 -17.38 14.63 -0.80
N VAL B 184 -16.97 15.68 -0.09
CA VAL B 184 -17.85 16.81 0.17
C VAL B 184 -17.24 18.13 -0.28
N ALA B 185 -18.04 18.95 -0.98
CA ALA B 185 -17.56 20.25 -1.42
C ALA B 185 -17.27 21.12 -0.19
N LEU B 186 -16.13 21.80 -0.19
CA LEU B 186 -15.74 22.64 0.94
C LEU B 186 -16.78 23.70 1.33
N PRO B 187 -17.32 24.43 0.32
CA PRO B 187 -18.33 25.47 0.62
C PRO B 187 -19.55 24.92 1.36
N LEU B 188 -19.96 23.71 1.02
CA LEU B 188 -21.11 23.07 1.65
C LEU B 188 -20.82 22.77 3.13
N LEU B 189 -19.58 22.43 3.46
CA LEU B 189 -19.22 22.15 4.84
C LEU B 189 -19.14 23.44 5.64
N LEU B 190 -18.67 24.53 5.02
CA LEU B 190 -18.58 25.81 5.72
C LEU B 190 -19.99 26.38 5.93
N ASP B 191 -20.87 26.15 4.97
CA ASP B 191 -22.25 26.63 5.05
C ASP B 191 -23.02 25.92 6.15
N LYS B 192 -22.65 24.68 6.43
CA LYS B 192 -23.29 23.88 7.48
C LYS B 192 -22.29 23.74 8.63
N PRO B 193 -22.14 24.78 9.45
CA PRO B 193 -21.21 24.81 10.59
C PRO B 193 -21.38 23.68 11.61
N ASN B 194 -22.58 23.10 11.72
CA ASN B 194 -22.84 22.05 12.68
C ASN B 194 -22.46 20.68 12.13
N ALA B 195 -22.46 20.53 10.82
CA ALA B 195 -22.15 19.26 10.18
C ALA B 195 -20.80 18.65 10.59
N GLN B 196 -20.86 17.52 11.28
CA GLN B 196 -19.66 16.80 11.70
C GLN B 196 -20.06 15.36 12.02
N PHE B 197 -19.07 14.53 12.32
CA PHE B 197 -19.35 13.14 12.63
C PHE B 197 -19.78 13.02 14.09
N ASP B 198 -20.67 12.07 14.35
CA ASP B 198 -21.17 11.82 15.70
C ASP B 198 -20.29 10.74 16.33
N SER B 199 -19.56 11.09 17.38
CA SER B 199 -18.69 10.12 18.04
C SER B 199 -19.47 9.01 18.74
N THR B 200 -20.78 9.21 18.94
CA THR B 200 -21.58 8.19 19.61
C THR B 200 -22.35 7.33 18.60
N ALA B 201 -22.24 7.67 17.32
CA ALA B 201 -22.92 6.92 16.29
C ALA B 201 -22.23 5.58 16.07
N PRO B 202 -23.02 4.49 15.95
CA PRO B 202 -22.43 3.16 15.73
C PRO B 202 -21.74 3.10 14.35
N GLY B 204 -21.69 1.57 11.37
CA GLY B 204 -22.38 1.74 10.11
C GLY B 204 -23.12 3.06 9.92
N HIS B 205 -23.24 3.84 10.99
CA HIS B 205 -23.94 5.10 10.92
C HIS B 205 -23.05 6.34 10.95
N LEU B 206 -21.75 6.11 11.08
CA LEU B 206 -20.78 7.21 11.14
C LEU B 206 -20.89 8.14 9.93
N GLU B 207 -20.83 7.57 8.73
CA GLU B 207 -20.93 8.35 7.51
C GLU B 207 -22.23 9.16 7.44
N SER B 208 -23.36 8.54 7.78
CA SER B 208 -24.65 9.21 7.76
C SER B 208 -24.71 10.38 8.75
N SER B 209 -24.13 10.20 9.93
CA SER B 209 -24.16 11.25 10.95
C SER B 209 -23.60 12.58 10.44
N LEU B 210 -22.76 12.52 9.41
CA LEU B 210 -22.19 13.72 8.81
C LEU B 210 -23.04 14.18 7.64
N LEU B 211 -23.20 13.27 6.68
CA LEU B 211 -23.94 13.54 5.46
C LEU B 211 -25.38 14.02 5.63
N SER B 212 -26.10 13.52 6.65
CA SER B 212 -27.47 13.95 6.86
C SER B 212 -27.53 15.47 7.01
N HIS B 213 -26.48 16.04 7.58
CA HIS B 213 -26.38 17.49 7.79
C HIS B 213 -26.11 18.25 6.50
N LEU B 214 -25.73 17.54 5.44
CA LEU B 214 -25.37 18.18 4.18
C LEU B 214 -26.30 18.01 2.97
N VAL B 215 -26.75 16.79 2.70
CA VAL B 215 -27.59 16.54 1.55
C VAL B 215 -28.56 15.36 1.71
N ASP B 216 -29.46 15.22 0.75
CA ASP B 216 -30.41 14.11 0.74
C ASP B 216 -29.75 13.03 -0.11
N PRO B 217 -29.88 11.75 0.28
CA PRO B 217 -29.25 10.69 -0.50
C PRO B 217 -29.58 10.72 -2.01
N LYS B 218 -30.74 11.27 -2.37
CA LYS B 218 -31.12 11.34 -3.77
C LYS B 218 -30.43 12.45 -4.55
N ASP B 219 -29.69 13.30 -3.84
CA ASP B 219 -28.98 14.41 -4.47
C ASP B 219 -27.48 14.12 -4.58
N LEU B 220 -27.09 12.90 -4.20
CA LEU B 220 -25.69 12.50 -4.28
C LEU B 220 -25.27 12.48 -5.75
N GLU B 221 -24.05 12.94 -6.01
CA GLU B 221 -23.52 12.99 -7.37
C GLU B 221 -22.69 11.74 -7.67
N PRO B 222 -23.22 10.83 -8.49
CA PRO B 222 -22.48 9.61 -8.82
C PRO B 222 -21.28 9.87 -9.73
N ARG B 223 -20.14 9.28 -9.37
CA ARG B 223 -18.92 9.43 -10.16
C ARG B 223 -18.47 8.03 -10.58
N ALA B 224 -17.21 7.90 -10.94
CA ALA B 224 -16.66 6.61 -11.36
C ALA B 224 -17.48 6.03 -12.50
N ALA B 225 -17.74 6.84 -13.51
CA ALA B 225 -18.51 6.41 -14.67
C ALA B 225 -19.86 5.88 -14.21
N ASN B 226 -20.63 6.75 -13.55
CA ASN B 226 -21.94 6.39 -13.02
C ASN B 226 -21.88 5.18 -12.12
N CYS B 227 -20.83 5.15 -11.30
CA CYS B 227 -20.60 4.08 -10.34
C CYS B 227 -20.47 2.70 -10.95
N THR B 228 -19.72 2.61 -12.06
CA THR B 228 -19.51 1.34 -12.73
C THR B 228 -18.06 0.90 -12.58
N ARG B 229 -17.27 1.71 -11.86
CA ARG B 229 -15.87 1.39 -11.67
C ARG B 229 -15.43 1.53 -10.22
N VAL B 230 -14.65 0.57 -9.76
CA VAL B 230 -14.15 0.58 -8.39
C VAL B 230 -12.75 1.20 -8.42
N LEU B 231 -12.60 2.35 -7.77
CA LEU B 231 -11.34 3.07 -7.78
C LEU B 231 -10.70 3.20 -6.40
N VAL B 232 -11.31 2.58 -5.40
CA VAL B 232 -10.81 2.61 -4.03
C VAL B 232 -11.22 1.29 -3.39
N TRP B 233 -10.34 0.74 -2.56
CA TRP B 233 -10.60 -0.55 -1.91
C TRP B 233 -10.43 -0.43 -0.40
N HIS B 234 -11.31 -1.09 0.35
CA HIS B 234 -11.26 -1.05 1.80
C HIS B 234 -10.34 -2.14 2.35
N THR B 235 -9.08 -2.11 1.92
CA THR B 235 -8.06 -3.06 2.35
C THR B 235 -7.72 -2.84 3.82
N ARG B 236 -7.38 -3.93 4.50
CA ARG B 236 -7.00 -3.89 5.90
C ARG B 236 -5.67 -4.63 6.00
N THR B 237 -4.83 -4.21 6.92
CA THR B 237 -3.53 -4.81 7.08
C THR B 237 -3.45 -5.76 8.26
N GLU B 238 -2.86 -6.93 8.05
CA GLU B 238 -2.71 -7.90 9.12
C GLU B 238 -1.81 -7.36 10.23
N LYS B 239 -2.10 -7.78 11.45
CA LYS B 239 -1.31 -7.38 12.61
C LYS B 239 -0.09 -8.32 12.64
N PRO B 240 1.13 -7.75 12.62
CA PRO B 240 2.33 -8.58 12.64
C PRO B 240 2.46 -9.43 13.91
N LYS B 241 2.90 -10.68 13.75
CA LYS B 241 3.11 -11.57 14.89
C LYS B 241 4.43 -11.10 15.51
N MET B 242 4.48 -11.04 16.84
CA MET B 242 5.68 -10.57 17.52
C MET B 242 6.22 -11.54 18.57
N LYS B 243 5.94 -12.83 18.40
CA LYS B 243 6.41 -13.83 19.34
C LYS B 243 7.94 -13.83 19.46
N GLN B 244 8.61 -13.83 18.32
CA GLN B 244 10.07 -13.83 18.31
C GLN B 244 10.66 -12.58 18.97
N GLU B 245 10.00 -11.44 18.81
CA GLU B 245 10.47 -10.18 19.41
C GLU B 245 10.46 -10.30 20.93
N GLU B 246 9.34 -10.78 21.47
CA GLU B 246 9.21 -10.96 22.91
C GLU B 246 10.31 -11.91 23.41
N GLN B 247 10.58 -12.97 22.64
CA GLN B 247 11.62 -13.91 23.03
C GLN B 247 12.97 -13.21 23.09
N LEU B 248 13.32 -12.48 22.03
CA LEU B 248 14.59 -11.76 22.01
C LEU B 248 14.63 -10.67 23.09
N GLN B 249 13.46 -10.12 23.43
CA GLN B 249 13.37 -9.09 24.46
C GLN B 249 13.84 -9.69 25.78
N ARG B 250 13.29 -10.85 26.11
CA ARG B 250 13.66 -11.55 27.34
C ARG B 250 15.17 -11.77 27.43
N GLN B 251 15.81 -11.95 26.27
CA GLN B 251 17.25 -12.17 26.24
C GLN B 251 18.03 -10.87 26.18
N GLY B 252 17.31 -9.74 26.15
CA GLY B 252 17.97 -8.45 26.07
C GLY B 252 18.52 -8.20 24.68
N ARG B 253 17.94 -8.87 23.69
CA ARG B 253 18.38 -8.72 22.31
C ARG B 253 17.24 -8.24 21.41
N GLY B 254 16.32 -7.47 21.98
CA GLY B 254 15.20 -6.96 21.22
C GLY B 254 15.64 -6.03 20.11
N SER B 255 14.74 -5.78 19.15
CA SER B 255 15.07 -4.91 18.04
C SER B 255 15.36 -3.53 18.60
N ASP B 256 16.49 -2.96 18.23
CA ASP B 256 16.91 -1.64 18.71
C ASP B 256 15.76 -0.63 18.68
N PRO B 257 15.34 -0.14 19.86
CA PRO B 257 14.24 0.83 19.91
C PRO B 257 14.54 2.19 19.27
N ALA B 258 15.81 2.44 18.95
CA ALA B 258 16.21 3.69 18.32
C ALA B 258 16.04 3.60 16.80
N ILE B 259 15.76 2.40 16.30
CA ILE B 259 15.55 2.19 14.88
C ILE B 259 14.04 2.14 14.68
N GLU B 260 13.52 3.18 14.04
CA GLU B 260 12.10 3.35 13.81
C GLU B 260 11.52 2.37 12.78
N VAL B 261 10.35 1.83 13.06
CA VAL B 261 9.68 0.90 12.15
C VAL B 261 8.22 1.32 11.96
MN MN C . 3.77 -11.06 1.42
C1' UGA D . 7.10 -14.72 2.70
C2' UGA D . 8.39 -14.18 1.96
O2' UGA D . 8.48 -12.77 2.17
C3' UGA D . 8.19 -14.45 0.44
O3' UGA D . 9.30 -13.99 -0.30
C4' UGA D . 8.12 -15.97 0.26
O4' UGA D . 7.95 -16.31 -1.11
C5' UGA D . 6.90 -16.56 1.05
O5' UGA D . 7.01 -16.19 2.48
C6' UGA D . 6.81 -18.11 0.93
O'P UGA D . 7.28 -18.65 -0.19
O'Q UGA D . 6.36 -18.81 1.79
PB UGA D . 4.45 -14.12 2.51
O1B UGA D . 4.05 -12.72 2.68
O2B UGA D . 4.20 -15.15 3.56
O3B UGA D . 5.98 -14.01 2.18
O3A UGA D . 3.81 -14.67 1.19
PA UGA D . 2.99 -14.10 -0.02
O1A UGA D . 2.98 -12.61 0.18
O2A UGA D . 1.68 -14.75 0.04
O5D UGA D . 3.73 -14.58 -1.37
C5D UGA D . 4.90 -13.96 -1.88
C4D UGA D . 4.72 -13.60 -3.35
O4D UGA D . 4.38 -14.78 -4.15
C3D UGA D . 3.60 -12.58 -3.55
O3D UGA D . 4.06 -11.57 -4.48
C2D UGA D . 2.44 -13.41 -4.10
O2D UGA D . 1.59 -12.65 -4.96
C1D UGA D . 3.13 -14.54 -4.85
N1 UGA D . 2.24 -15.71 -4.91
C6 UGA D . 1.76 -16.30 -3.74
C2 UGA D . 1.93 -16.22 -6.16
O2 UGA D . 2.34 -15.74 -7.20
N3 UGA D . 1.09 -17.34 -6.13
C4 UGA D . 0.57 -17.96 -4.99
O4 UGA D . -0.15 -18.93 -5.09
C5 UGA D . 0.95 -17.36 -3.75
MN MN E . -9.40 0.67 7.49
C1' UGA F . -14.27 1.23 8.93
C2' UGA F . -14.65 2.54 8.13
O2' UGA F . -14.15 2.42 6.79
C3' UGA F . -13.99 3.74 8.82
O3' UGA F . -14.30 4.95 8.15
C4' UGA F . -14.58 3.83 10.24
O4' UGA F . -14.02 4.93 10.95
C5' UGA F . -14.26 2.54 11.06
O5' UGA F . -14.78 1.36 10.34
C6' UGA F . -14.86 2.57 12.49
O'P UGA F . -15.16 3.78 12.98
O'Q UGA F . -15.08 1.58 13.13
PB UGA F . -11.90 -0.02 9.48
O1B UGA F . -11.00 -0.35 8.37
O2B UGA F . -12.69 -1.08 10.19
O3B UGA F . -12.84 1.10 8.89
O3A UGA F . -11.09 0.75 10.60
PA UGA F . -9.64 1.36 10.80
O1A UGA F . -8.97 1.20 9.49
O2A UGA F . -9.04 0.64 11.93
O5D UGA F . -9.89 2.88 11.26
C5D UGA F . -10.31 3.90 10.35
C4D UGA F . -9.40 5.12 10.49
O4D UGA F . -9.39 5.57 11.89
C3D UGA F . -7.97 4.79 10.12
O3D UGA F . -7.43 5.90 9.35
C2D UGA F . -7.26 4.62 11.46
O2D UGA F . -5.89 4.94 11.39
C1D UGA F . -8.02 5.55 12.38
N1 UGA F . -7.91 5.07 13.78
C6 UGA F . -8.24 3.75 14.13
C2 UGA F . -7.49 5.99 14.74
O2 UGA F . -7.21 7.15 14.48
N3 UGA F . -7.42 5.48 16.03
C4 UGA F . -7.73 4.17 16.44
O4 UGA F . -7.63 3.84 17.60
C5 UGA F . -8.16 3.29 15.38
#